data_5UPT
#
_entry.id   5UPT
#
_cell.length_a   146.158
_cell.length_b   146.158
_cell.length_c   71.138
_cell.angle_alpha   90.000
_cell.angle_beta   90.000
_cell.angle_gamma   90.000
#
_symmetry.space_group_name_H-M   'P 43 21 2'
#
loop_
_entity.id
_entity.type
_entity.pdbx_description
1 polymer 'Acyl-CoA synthetase PtmA2'
2 non-polymer '(7alpha,8alpha,10alpha,13alpha)-7,16-dihydroxykauran-18-oic acid'
3 non-polymer 'SULFATE ION'
4 non-polymer GLYCEROL
5 non-polymer 'CHLORIDE ION'
6 water water
#
_entity_poly.entity_id   1
_entity_poly.type   'polypeptide(L)'
_entity_poly.pdbx_seq_one_letter_code
;SNALQHTTIGDVLREHRRSHPGRTALVDGPVRLTWPELDDRVNRLAGSLAASGIGRGDRI(MSE)WLGQNSFRVYELIAA
AGKLGA(MSE)VCVGYWRWAPPE(MSE)EFALRDFDPHLVVWQHQEIHETVARTREALGSDDTARWLRHDSAPQDPDGYE
AFLAAGGLADPDLDIDPDSPVLVLYTAA(MSE)SGRQCGSLLSHTNLIA(MSE)ATAAAWLGDIDHTTAFLNSGP(MSE)
FHIGNHQFWG(MSE)PTLL(MSE)AGKNVIVRRVVAEEVRDLLVAEECTHAFL(MSE)PPTVAEIVRLNRDTGHDLSRLR
ATVAPHLWEG(MSE)ATTDTSRFTRSGAAAGRGYGQTELSGFAVTAAYGGPAAGNAGRPGPGLTVRVLDTAGRECAVGEA
GEICARGTVVHRGYWNRDEVNAHRFRSGWWHTTDLGRREPDGSLTFLGTTTR(MSE)LKSAAENIFPAEVENCIEQHPAV
REAAVIGVPNTRWAQDVKAVVVLEPDAGVSEQEIIDHCRPRIASYKKPKSVAFAAALPRTVSGARDYDALDKEYGGGGYP
GAATLGPGR
;
_entity_poly.pdbx_strand_id   A
#
# COMPACT_ATOMS: atom_id res chain seq x y z
N ASN A 2 -32.52 0.67 18.46
CA ASN A 2 -32.54 -0.79 18.12
C ASN A 2 -31.75 -1.23 16.87
N ALA A 3 -31.35 -0.26 16.04
CA ALA A 3 -30.67 -0.55 14.76
C ALA A 3 -29.32 -1.25 14.96
N LEU A 4 -28.89 -2.02 13.97
CA LEU A 4 -27.74 -2.93 14.17
C LEU A 4 -26.44 -2.38 13.61
N GLN A 5 -25.42 -3.23 13.68
CA GLN A 5 -24.14 -2.93 13.14
C GLN A 5 -24.13 -2.83 11.62
N HIS A 6 -23.10 -2.18 11.14
CA HIS A 6 -22.77 -2.26 9.79
C HIS A 6 -22.19 -3.63 9.51
N THR A 7 -21.96 -3.88 8.26
CA THR A 7 -21.34 -5.11 7.78
C THR A 7 -19.86 -5.28 8.23
N THR A 8 -19.54 -6.48 8.71
CA THR A 8 -18.22 -6.88 9.06
C THR A 8 -17.64 -7.89 8.04
N ILE A 9 -16.35 -8.16 8.14
CA ILE A 9 -15.72 -9.15 7.29
C ILE A 9 -16.33 -10.53 7.61
N GLY A 10 -16.63 -10.79 8.88
CA GLY A 10 -17.33 -12.03 9.24
C GLY A 10 -18.68 -12.19 8.52
N ASP A 11 -19.46 -11.12 8.44
CA ASP A 11 -20.75 -11.16 7.74
C ASP A 11 -20.56 -11.52 6.30
N VAL A 12 -19.48 -11.03 5.68
CA VAL A 12 -19.20 -11.35 4.28
C VAL A 12 -19.03 -12.88 4.10
N LEU A 13 -18.26 -13.52 4.95
CA LEU A 13 -18.05 -14.95 4.81
C LEU A 13 -19.32 -15.74 5.15
N ARG A 14 -20.08 -15.29 6.12
CA ARG A 14 -21.30 -15.98 6.48
C ARG A 14 -22.31 -15.93 5.33
N GLU A 15 -22.39 -14.80 4.63
CA GLU A 15 -23.25 -14.64 3.48
C GLU A 15 -22.77 -15.50 2.32
N HIS A 16 -21.48 -15.43 1.97
CA HIS A 16 -20.96 -16.24 0.87
C HIS A 16 -21.16 -17.72 1.09
N ARG A 17 -21.04 -18.21 2.33
CA ARG A 17 -21.21 -19.65 2.52
C ARG A 17 -22.64 -20.11 2.20
N ARG A 18 -23.62 -19.23 2.41
CA ARG A 18 -25.03 -19.49 2.08
C ARG A 18 -25.37 -19.23 0.62
N SER A 19 -24.86 -18.14 0.04
CA SER A 19 -25.21 -17.77 -1.30
C SER A 19 -24.39 -18.50 -2.34
N HIS A 20 -23.18 -18.93 -2.01
CA HIS A 20 -22.30 -19.54 -2.98
C HIS A 20 -21.76 -20.88 -2.50
N PRO A 21 -22.65 -21.82 -2.21
CA PRO A 21 -22.18 -23.05 -1.55
C PRO A 21 -21.13 -23.88 -2.29
N GLY A 22 -21.15 -23.86 -3.62
CA GLY A 22 -20.18 -24.70 -4.34
C GLY A 22 -19.00 -23.98 -4.99
N ARG A 23 -18.89 -22.66 -4.84
CA ARG A 23 -17.86 -21.87 -5.51
C ARG A 23 -16.56 -21.85 -4.72
N THR A 24 -15.48 -21.87 -5.46
CA THR A 24 -14.13 -21.81 -4.91
C THR A 24 -13.77 -20.40 -4.47
N ALA A 25 -13.43 -20.28 -3.20
CA ALA A 25 -13.03 -19.02 -2.57
C ALA A 25 -11.54 -18.76 -2.63
N LEU A 26 -10.76 -19.78 -2.37
CA LEU A 26 -9.30 -19.66 -2.18
C LEU A 26 -8.60 -20.89 -2.72
N VAL A 27 -7.49 -20.68 -3.41
CA VAL A 27 -6.60 -21.74 -3.91
C VAL A 27 -5.18 -21.41 -3.54
N ASP A 28 -4.46 -22.36 -2.97
CA ASP A 28 -3.06 -22.16 -2.61
C ASP A 28 -2.37 -23.52 -2.69
N GLY A 29 -1.61 -23.71 -3.77
CA GLY A 29 -1.01 -25.01 -4.08
C GLY A 29 -2.13 -26.03 -4.19
N PRO A 30 -2.03 -27.13 -3.44
CA PRO A 30 -3.09 -28.15 -3.51
C PRO A 30 -4.34 -27.80 -2.69
N VAL A 31 -4.28 -26.78 -1.85
CA VAL A 31 -5.46 -26.39 -1.06
C VAL A 31 -6.48 -25.68 -1.94
N ARG A 32 -7.72 -26.16 -1.92
CA ARG A 32 -8.85 -25.52 -2.60
C ARG A 32 -10.03 -25.47 -1.63
N LEU A 33 -10.47 -24.27 -1.30
CA LEU A 33 -11.54 -24.10 -0.33
C LEU A 33 -12.71 -23.40 -0.94
N THR A 34 -13.88 -24.03 -0.83
CA THR A 34 -15.15 -23.40 -1.17
C THR A 34 -15.51 -22.41 -0.05
N TRP A 35 -16.54 -21.58 -0.25
CA TRP A 35 -16.94 -20.63 0.78
C TRP A 35 -17.34 -21.31 2.08
N PRO A 36 -18.14 -22.39 2.03
CA PRO A 36 -18.43 -23.02 3.31
C PRO A 36 -17.22 -23.70 3.95
N GLU A 37 -16.32 -24.25 3.17
CA GLU A 37 -15.13 -24.88 3.74
C GLU A 37 -14.21 -23.80 4.37
N LEU A 38 -14.07 -22.66 3.69
CA LEU A 38 -13.32 -21.54 4.28
C LEU A 38 -13.97 -21.05 5.58
N ASP A 39 -15.29 -20.83 5.58
CA ASP A 39 -15.94 -20.31 6.78
C ASP A 39 -15.85 -21.31 7.95
N ASP A 40 -15.96 -22.59 7.66
CA ASP A 40 -15.71 -23.61 8.70
C ASP A 40 -14.29 -23.51 9.32
N ARG A 41 -13.26 -23.37 8.48
CA ARG A 41 -11.90 -23.25 8.95
C ARG A 41 -11.74 -21.98 9.78
N VAL A 42 -12.32 -20.90 9.31
CA VAL A 42 -12.29 -19.66 10.05
C VAL A 42 -12.96 -19.85 11.42
N ASN A 43 -14.10 -20.56 11.48
CA ASN A 43 -14.73 -20.79 12.78
C ASN A 43 -13.89 -21.64 13.73
N ARG A 44 -13.21 -22.64 13.17
CA ARG A 44 -12.35 -23.48 14.02
C ARG A 44 -11.17 -22.60 14.51
N LEU A 45 -10.63 -21.80 13.62
CA LEU A 45 -9.51 -20.96 13.99
C LEU A 45 -9.91 -19.98 15.05
N ALA A 46 -11.07 -19.36 14.88
CA ALA A 46 -11.56 -18.43 15.86
C ALA A 46 -11.81 -19.08 17.22
N GLY A 47 -12.34 -20.31 17.19
CA GLY A 47 -12.50 -21.07 18.43
C GLY A 47 -11.20 -21.28 19.18
N SER A 48 -10.15 -21.66 18.46
CA SER A 48 -8.84 -21.87 19.06
C SER A 48 -8.21 -20.58 19.54
N LEU A 49 -8.37 -19.51 18.76
CA LEU A 49 -7.84 -18.24 19.17
C LEU A 49 -8.53 -17.77 20.48
N ALA A 50 -9.86 -17.89 20.54
CA ALA A 50 -10.62 -17.47 21.71
C ALA A 50 -10.24 -18.34 22.91
N ALA A 51 -10.03 -19.65 22.68
CA ALA A 51 -9.64 -20.54 23.77
C ALA A 51 -8.27 -20.15 24.33
N SER A 52 -7.40 -19.59 23.47
CA SER A 52 -6.10 -19.18 23.90
C SER A 52 -6.12 -17.78 24.51
N GLY A 53 -7.30 -17.15 24.60
CA GLY A 53 -7.44 -15.83 25.28
C GLY A 53 -7.51 -14.59 24.38
N ILE A 54 -7.60 -14.80 23.07
CA ILE A 54 -7.69 -13.73 22.09
C ILE A 54 -9.12 -13.25 21.97
N GLY A 55 -9.34 -11.95 22.18
CA GLY A 55 -10.63 -11.34 22.03
C GLY A 55 -10.50 -9.94 21.44
N ARG A 56 -11.45 -9.09 21.77
CA ARG A 56 -11.56 -7.77 21.17
C ARG A 56 -10.28 -6.98 21.42
N GLY A 57 -9.73 -6.36 20.38
CA GLY A 57 -8.53 -5.56 20.53
C GLY A 57 -7.20 -6.32 20.60
N ASP A 58 -7.23 -7.66 20.63
CA ASP A 58 -6.01 -8.46 20.66
C ASP A 58 -5.35 -8.58 19.30
N ARG A 59 -4.14 -9.13 19.25
CA ARG A 59 -3.24 -8.87 18.15
C ARG A 59 -2.48 -10.12 17.75
N ILE A 60 -2.46 -10.38 16.45
CA ILE A 60 -1.78 -11.52 15.86
C ILE A 60 -0.84 -10.95 14.82
N TRP A 62 1.65 -11.82 11.61
CA TRP A 62 2.01 -12.76 10.53
C TRP A 62 3.41 -12.41 10.03
N LEU A 63 4.35 -13.33 10.18
CA LEU A 63 5.72 -13.19 9.66
C LEU A 63 5.99 -14.25 8.63
N GLY A 64 5.31 -14.19 7.52
CA GLY A 64 5.51 -15.14 6.44
C GLY A 64 5.33 -14.41 5.14
N GLN A 65 5.43 -15.14 4.03
CA GLN A 65 5.10 -14.65 2.70
C GLN A 65 3.59 -14.80 2.48
N ASN A 66 3.10 -14.66 1.26
CA ASN A 66 1.66 -14.79 0.98
C ASN A 66 1.17 -16.22 1.25
N SER A 67 -0.03 -16.35 1.76
CA SER A 67 -0.65 -17.64 2.04
C SER A 67 -2.13 -17.45 2.12
N PHE A 68 -2.87 -18.52 1.79
CA PHE A 68 -4.29 -18.54 2.06
C PHE A 68 -4.57 -18.34 3.56
N ARG A 69 -3.65 -18.75 4.41
CA ARG A 69 -3.82 -18.61 5.84
C ARG A 69 -3.89 -17.15 6.25
N VAL A 70 -3.37 -16.23 5.43
CA VAL A 70 -3.50 -14.80 5.79
C VAL A 70 -4.98 -14.39 5.74
N TYR A 71 -5.69 -14.80 4.70
CA TYR A 71 -7.11 -14.52 4.60
C TYR A 71 -7.87 -15.21 5.77
N GLU A 72 -7.49 -16.44 6.12
CA GLU A 72 -8.19 -17.13 7.23
C GLU A 72 -8.01 -16.40 8.55
N LEU A 73 -6.78 -15.96 8.80
CA LEU A 73 -6.45 -15.28 10.03
C LEU A 73 -7.13 -13.96 10.11
N ILE A 74 -7.14 -13.20 9.03
CA ILE A 74 -7.88 -11.92 9.03
C ILE A 74 -9.38 -12.11 9.35
N ALA A 75 -10.03 -13.05 8.67
CA ALA A 75 -11.44 -13.39 8.95
C ALA A 75 -11.70 -13.87 10.36
N ALA A 76 -10.83 -14.72 10.89
CA ALA A 76 -11.02 -15.27 12.21
C ALA A 76 -10.80 -14.23 13.31
N ALA A 77 -9.73 -13.44 13.20
CA ALA A 77 -9.52 -12.32 14.07
C ALA A 77 -10.68 -11.36 14.00
N GLY A 78 -11.16 -11.09 12.80
CA GLY A 78 -12.29 -10.21 12.56
C GLY A 78 -13.56 -10.68 13.27
N LYS A 79 -13.76 -11.99 13.32
CA LYS A 79 -14.97 -12.53 14.02
C LYS A 79 -14.86 -12.38 15.54
N LEU A 80 -13.65 -12.16 16.05
CA LEU A 80 -13.41 -11.91 17.46
C LEU A 80 -13.21 -10.45 17.83
N GLY A 81 -13.18 -9.58 16.82
CA GLY A 81 -12.83 -8.19 17.05
C GLY A 81 -11.35 -7.96 17.29
N ALA A 82 -10.54 -8.93 16.89
CA ALA A 82 -9.10 -8.84 16.94
C ALA A 82 -8.51 -8.34 15.60
N VAL A 84 -4.87 -8.41 12.75
CA VAL A 84 -3.73 -9.12 12.25
C VAL A 84 -2.79 -8.13 11.58
N CYS A 85 -1.52 -8.14 12.01
CA CYS A 85 -0.49 -7.42 11.28
C CYS A 85 0.13 -8.32 10.27
N VAL A 86 0.12 -7.94 9.00
CA VAL A 86 0.78 -8.71 7.94
C VAL A 86 2.17 -8.09 7.78
N GLY A 87 3.16 -8.72 8.42
CA GLY A 87 4.47 -8.13 8.56
C GLY A 87 5.28 -8.23 7.29
N TYR A 88 6.30 -7.40 7.21
CA TYR A 88 7.22 -7.37 6.09
C TYR A 88 8.20 -8.50 6.27
N TRP A 89 8.05 -9.54 5.47
CA TRP A 89 8.83 -10.73 5.64
C TRP A 89 10.31 -10.52 5.32
N ARG A 90 10.64 -9.40 4.70
CA ARG A 90 12.05 -9.10 4.44
C ARG A 90 12.69 -8.26 5.54
N TRP A 91 11.98 -7.98 6.64
CA TRP A 91 12.60 -7.28 7.73
C TRP A 91 13.87 -7.97 8.18
N ALA A 92 14.91 -7.18 8.42
CA ALA A 92 16.11 -7.72 9.11
C ALA A 92 15.81 -7.84 10.60
N PRO A 93 16.62 -8.61 11.37
CA PRO A 93 16.30 -8.79 12.80
C PRO A 93 16.03 -7.54 13.62
N PRO A 94 16.78 -6.43 13.44
CA PRO A 94 16.46 -5.21 14.20
C PRO A 94 15.07 -4.67 13.92
N GLU A 95 14.70 -4.62 12.64
CA GLU A 95 13.37 -4.13 12.30
C GLU A 95 12.25 -5.10 12.72
N GLU A 97 12.46 -7.12 15.30
CA GLU A 97 12.34 -6.96 16.76
C GLU A 97 11.56 -5.70 17.14
N PHE A 98 11.88 -4.59 16.44
CA PHE A 98 11.15 -3.37 16.69
C PHE A 98 9.62 -3.58 16.52
N ALA A 99 9.23 -4.16 15.40
CA ALA A 99 7.80 -4.37 15.10
C ALA A 99 7.16 -5.32 16.13
N LEU A 100 7.84 -6.41 16.48
CA LEU A 100 7.29 -7.31 17.53
C LEU A 100 7.10 -6.58 18.85
N ARG A 101 8.06 -5.80 19.29
CA ARG A 101 7.91 -5.08 20.56
C ARG A 101 6.84 -4.00 20.47
N ASP A 102 6.78 -3.32 19.33
CA ASP A 102 5.79 -2.26 19.12
C ASP A 102 4.35 -2.82 19.10
N PHE A 103 4.12 -3.78 18.23
CA PHE A 103 2.79 -4.37 18.00
C PHE A 103 2.38 -5.24 19.17
N ASP A 104 3.35 -5.85 19.84
CA ASP A 104 3.12 -6.60 21.09
C ASP A 104 2.03 -7.69 20.91
N PRO A 105 2.22 -8.57 19.93
CA PRO A 105 1.19 -9.55 19.59
C PRO A 105 1.00 -10.61 20.69
N HIS A 106 -0.20 -11.17 20.79
CA HIS A 106 -0.48 -12.28 21.67
C HIS A 106 -0.02 -13.57 20.99
N LEU A 107 -0.02 -13.55 19.67
CA LEU A 107 0.32 -14.70 18.84
C LEU A 107 1.09 -14.28 17.62
N VAL A 108 2.12 -15.07 17.29
CA VAL A 108 2.92 -14.84 16.09
C VAL A 108 2.83 -16.08 15.23
N VAL A 109 2.39 -15.94 13.98
CA VAL A 109 2.33 -17.03 13.03
C VAL A 109 3.48 -16.80 12.06
N TRP A 110 4.42 -17.75 12.03
CA TRP A 110 5.66 -17.54 11.32
C TRP A 110 5.86 -18.62 10.27
N GLN A 111 6.81 -18.34 9.39
CA GLN A 111 7.16 -19.16 8.26
C GLN A 111 8.61 -19.60 8.35
N HIS A 112 8.83 -20.89 8.19
CA HIS A 112 10.23 -21.41 8.15
C HIS A 112 10.95 -21.13 6.84
N GLN A 113 10.31 -21.44 5.73
CA GLN A 113 10.95 -21.35 4.42
C GLN A 113 11.44 -19.91 4.17
N GLU A 114 12.70 -19.78 3.76
CA GLU A 114 13.36 -18.55 3.41
C GLU A 114 13.63 -17.60 4.57
N ILE A 115 12.91 -17.66 5.68
CA ILE A 115 13.19 -16.67 6.73
C ILE A 115 13.49 -17.20 8.11
N HIS A 116 13.64 -18.52 8.26
CA HIS A 116 13.86 -19.11 9.57
C HIS A 116 15.06 -18.52 10.33
N GLU A 117 16.13 -18.17 9.61
CA GLU A 117 17.32 -17.62 10.23
C GLU A 117 17.06 -16.25 10.87
N THR A 118 16.39 -15.37 10.13
CA THR A 118 16.03 -14.09 10.68
C THR A 118 15.09 -14.22 11.89
N VAL A 119 14.09 -15.06 11.77
CA VAL A 119 13.21 -15.33 12.88
C VAL A 119 13.97 -15.82 14.11
N ALA A 120 14.87 -16.79 13.95
CA ALA A 120 15.66 -17.32 15.10
C ALA A 120 16.53 -16.22 15.75
N ARG A 121 17.16 -15.41 14.94
CA ARG A 121 18.00 -14.28 15.39
C ARG A 121 17.14 -13.30 16.20
N THR A 122 15.96 -13.00 15.68
CA THR A 122 15.04 -12.08 16.31
C THR A 122 14.52 -12.60 17.65
N ARG A 123 14.16 -13.88 17.71
CA ARG A 123 13.71 -14.43 18.99
C ARG A 123 14.86 -14.47 20.02
N GLU A 124 16.07 -14.74 19.57
CA GLU A 124 17.26 -14.69 20.44
C GLU A 124 17.40 -13.29 21.01
N ALA A 125 17.23 -12.29 20.17
CA ALA A 125 17.38 -10.89 20.61
C ALA A 125 16.33 -10.52 21.63
N LEU A 126 15.11 -11.00 21.46
CA LEU A 126 14.01 -10.64 22.39
C LEU A 126 14.27 -11.21 23.79
N GLY A 127 14.96 -12.34 23.83
CA GLY A 127 15.38 -12.92 25.11
C GLY A 127 14.17 -13.19 25.96
N SER A 128 14.22 -12.72 27.22
CA SER A 128 13.16 -12.98 28.21
CA SER A 128 13.17 -12.99 28.21
C SER A 128 11.85 -12.22 27.96
N ASP A 129 11.87 -11.26 27.02
CA ASP A 129 10.66 -10.58 26.65
C ASP A 129 9.80 -11.38 25.63
N ASP A 130 10.29 -12.50 25.10
CA ASP A 130 9.53 -13.28 24.07
C ASP A 130 8.44 -14.13 24.70
N THR A 131 7.30 -13.54 24.99
CA THR A 131 6.22 -14.24 25.70
C THR A 131 5.03 -14.64 24.86
N ALA A 132 4.98 -14.25 23.58
CA ALA A 132 3.88 -14.66 22.68
C ALA A 132 3.93 -16.16 22.38
N ARG A 133 2.80 -16.73 22.01
CA ARG A 133 2.77 -18.04 21.37
C ARG A 133 3.23 -17.93 19.95
N TRP A 134 4.10 -18.84 19.51
CA TRP A 134 4.55 -18.87 18.13
C TRP A 134 3.99 -20.12 17.45
N LEU A 135 3.34 -19.95 16.29
CA LEU A 135 2.86 -21.09 15.50
C LEU A 135 3.46 -21.05 14.12
N ARG A 136 4.05 -22.17 13.73
CA ARG A 136 4.68 -22.30 12.40
C ARG A 136 3.62 -22.61 11.37
N HIS A 137 3.46 -21.76 10.35
CA HIS A 137 2.35 -22.01 9.41
C HIS A 137 2.68 -23.10 8.41
N ASP A 138 3.90 -23.16 7.95
CA ASP A 138 4.30 -24.16 6.93
C ASP A 138 4.97 -25.38 7.61
N SER A 139 4.32 -25.87 8.66
CA SER A 139 4.78 -27.01 9.44
C SER A 139 4.24 -28.31 8.84
N ALA A 140 4.75 -29.44 9.31
CA ALA A 140 4.03 -30.70 9.15
C ALA A 140 2.62 -30.54 9.72
N PRO A 141 1.62 -31.17 9.11
CA PRO A 141 0.26 -30.91 9.59
C PRO A 141 -0.03 -31.23 11.06
N GLN A 142 0.64 -32.23 11.59
CA GLN A 142 0.42 -32.63 12.99
C GLN A 142 1.30 -31.86 14.00
N ASP A 143 2.25 -31.04 13.53
CA ASP A 143 3.19 -30.37 14.42
C ASP A 143 2.36 -29.66 15.49
N PRO A 144 2.58 -29.98 16.77
CA PRO A 144 1.80 -29.35 17.84
C PRO A 144 2.11 -27.85 17.99
N ASP A 145 3.22 -27.41 17.42
CA ASP A 145 3.48 -25.94 17.39
C ASP A 145 3.18 -25.36 16.01
N GLY A 146 2.36 -26.07 15.24
CA GLY A 146 1.95 -25.61 13.92
C GLY A 146 0.56 -24.99 13.89
N TYR A 147 0.32 -24.20 12.85
CA TYR A 147 -0.99 -23.58 12.61
C TYR A 147 -2.14 -24.59 12.42
N GLU A 148 -1.92 -25.59 11.59
CA GLU A 148 -2.98 -26.53 11.26
C GLU A 148 -3.45 -27.31 12.50
N ALA A 149 -2.56 -27.69 13.40
CA ALA A 149 -2.97 -28.40 14.59
C ALA A 149 -3.73 -27.52 15.51
N PHE A 150 -3.33 -26.25 15.58
CA PHE A 150 -4.00 -25.26 16.43
C PHE A 150 -5.44 -25.07 15.91
N LEU A 151 -5.55 -24.88 14.59
CA LEU A 151 -6.86 -24.72 13.97
C LEU A 151 -7.75 -25.97 14.14
N ALA A 152 -7.21 -27.14 13.88
CA ALA A 152 -7.98 -28.42 13.97
C ALA A 152 -8.58 -28.64 15.36
N ALA A 153 -7.94 -28.13 16.40
CA ALA A 153 -8.45 -28.24 17.76
C ALA A 153 -9.67 -27.38 18.06
N GLY A 154 -9.99 -26.40 17.20
CA GLY A 154 -11.22 -25.60 17.39
C GLY A 154 -12.47 -26.26 16.81
N GLY A 155 -13.62 -25.87 17.32
CA GLY A 155 -14.94 -26.36 16.86
C GLY A 155 -15.54 -25.55 15.71
N LEU A 156 -16.57 -26.13 15.11
CA LEU A 156 -17.22 -25.57 13.96
C LEU A 156 -18.15 -24.42 14.27
N ALA A 157 -18.56 -24.24 15.52
CA ALA A 157 -19.48 -23.14 15.82
C ALA A 157 -18.94 -21.76 15.50
N ASP A 158 -19.77 -20.94 14.89
CA ASP A 158 -19.43 -19.55 14.64
C ASP A 158 -19.43 -18.79 15.96
N PRO A 159 -18.39 -18.02 16.26
CA PRO A 159 -18.42 -17.25 17.53
C PRO A 159 -19.63 -16.33 17.67
N ASP A 160 -20.14 -15.79 16.56
CA ASP A 160 -21.43 -15.09 16.57
C ASP A 160 -21.45 -13.92 17.57
N LEU A 161 -20.41 -13.10 17.51
CA LEU A 161 -20.29 -11.94 18.36
C LEU A 161 -20.72 -10.68 17.66
N ASP A 162 -21.11 -9.67 18.41
CA ASP A 162 -21.49 -8.41 17.78
C ASP A 162 -20.24 -7.51 17.65
N ILE A 163 -19.49 -7.69 16.59
CA ILE A 163 -18.23 -6.99 16.40
C ILE A 163 -18.51 -5.66 15.72
N ASP A 164 -17.89 -4.59 16.24
CA ASP A 164 -18.03 -3.23 15.67
C ASP A 164 -17.07 -3.18 14.48
N PRO A 165 -17.58 -2.92 13.28
CA PRO A 165 -16.67 -2.94 12.14
C PRO A 165 -15.71 -1.77 12.05
N ASP A 166 -15.88 -0.76 12.91
CA ASP A 166 -14.84 0.27 13.06
C ASP A 166 -13.59 -0.25 13.76
N SER A 167 -13.67 -1.43 14.36
CA SER A 167 -12.49 -2.10 14.97
C SER A 167 -11.43 -2.36 13.94
N PRO A 168 -10.16 -2.06 14.27
CA PRO A 168 -9.09 -2.48 13.38
C PRO A 168 -9.13 -3.99 13.17
N VAL A 169 -8.82 -4.43 11.95
CA VAL A 169 -8.72 -5.87 11.65
C VAL A 169 -7.43 -6.17 10.88
N LEU A 170 -6.89 -5.19 10.13
CA LEU A 170 -5.70 -5.39 9.35
C LEU A 170 -4.73 -4.27 9.66
N VAL A 171 -3.50 -4.66 10.01
CA VAL A 171 -2.45 -3.69 10.35
C VAL A 171 -1.26 -3.83 9.37
N LEU A 172 -0.93 -2.74 8.68
CA LEU A 172 0.11 -2.74 7.70
C LEU A 172 1.13 -1.68 8.07
N TYR A 173 2.39 -2.11 8.19
CA TYR A 173 3.44 -1.21 8.57
C TYR A 173 3.83 -0.34 7.37
N THR A 174 4.02 0.96 7.65
CA THR A 174 4.46 1.88 6.66
C THR A 174 5.73 2.62 7.17
N ALA A 175 6.57 3.11 6.26
CA ALA A 175 7.82 3.78 6.60
C ALA A 175 7.74 5.21 6.10
N ALA A 176 7.99 6.15 7.00
CA ALA A 176 8.19 7.56 6.63
C ALA A 176 9.52 7.68 5.86
N SER A 178 11.88 9.52 6.72
CA SER A 178 12.83 9.37 7.82
C SER A 178 13.24 7.91 8.13
N GLY A 179 12.46 6.91 7.71
CA GLY A 179 12.73 5.50 8.08
C GLY A 179 11.97 4.98 9.33
N ARG A 180 11.31 5.89 10.05
CA ARG A 180 10.45 5.50 11.16
C ARG A 180 9.28 4.65 10.61
N GLN A 181 9.00 3.52 11.24
CA GLN A 181 7.91 2.62 10.85
C GLN A 181 6.75 2.62 11.83
N CYS A 182 5.53 2.62 11.31
CA CYS A 182 4.29 2.74 12.11
C CYS A 182 3.22 1.82 11.47
N GLY A 183 2.45 1.13 12.29
CA GLY A 183 1.41 0.19 11.81
C GLY A 183 0.10 0.92 11.63
N SER A 184 -0.35 1.03 10.40
CA SER A 184 -1.63 1.68 10.09
C SER A 184 -2.78 0.70 10.39
N LEU A 185 -3.76 1.19 11.15
CA LEU A 185 -4.92 0.40 11.60
C LEU A 185 -6.09 0.49 10.60
N LEU A 186 -6.31 -0.57 9.83
CA LEU A 186 -7.43 -0.60 8.88
C LEU A 186 -8.60 -1.41 9.42
N SER A 187 -9.77 -0.78 9.49
CA SER A 187 -10.96 -1.39 10.04
C SER A 187 -11.67 -2.26 9.03
N HIS A 188 -12.68 -3.00 9.52
CA HIS A 188 -13.55 -3.73 8.59
C HIS A 188 -14.17 -2.75 7.61
N THR A 189 -14.67 -1.65 8.11
CA THR A 189 -15.34 -0.66 7.27
C THR A 189 -14.38 -0.07 6.25
N ASN A 190 -13.14 0.21 6.66
CA ASN A 190 -12.11 0.72 5.74
C ASN A 190 -11.96 -0.25 4.55
N LEU A 191 -11.79 -1.53 4.86
CA LEU A 191 -11.57 -2.53 3.84
C LEU A 191 -12.77 -2.75 2.94
N ILE A 192 -13.96 -2.82 3.51
CA ILE A 192 -15.16 -2.99 2.73
C ILE A 192 -15.45 -1.78 1.83
N ALA A 193 -15.25 -0.57 2.34
CA ALA A 193 -15.44 0.64 1.53
C ALA A 193 -14.44 0.71 0.38
N ALA A 195 -12.97 -1.94 -0.90
CA ALA A 195 -13.29 -3.01 -1.83
C ALA A 195 -14.50 -2.68 -2.71
N THR A 196 -15.49 -1.98 -2.18
CA THR A 196 -16.64 -1.60 -2.91
C THR A 196 -16.28 -0.61 -4.03
N ALA A 197 -15.49 0.40 -3.70
CA ALA A 197 -15.02 1.33 -4.70
C ALA A 197 -14.17 0.60 -5.77
N ALA A 198 -13.30 -0.30 -5.35
CA ALA A 198 -12.46 -1.02 -6.30
C ALA A 198 -13.27 -1.89 -7.26
N ALA A 199 -14.36 -2.49 -6.76
CA ALA A 199 -15.23 -3.28 -7.62
C ALA A 199 -15.86 -2.45 -8.74
N TRP A 200 -16.24 -1.20 -8.45
CA TRP A 200 -16.66 -0.28 -9.51
C TRP A 200 -15.50 0.06 -10.46
N LEU A 201 -14.35 0.38 -9.92
CA LEU A 201 -13.19 0.75 -10.75
C LEU A 201 -12.80 -0.33 -11.75
N GLY A 202 -12.77 -1.55 -11.27
CA GLY A 202 -12.28 -2.68 -12.05
C GLY A 202 -13.34 -3.57 -12.66
N ASP A 203 -14.60 -3.26 -12.42
CA ASP A 203 -15.69 -4.13 -12.89
C ASP A 203 -15.50 -5.57 -12.36
N ILE A 204 -15.39 -5.68 -11.04
CA ILE A 204 -15.13 -6.94 -10.39
C ILE A 204 -16.45 -7.61 -10.02
N ASP A 205 -16.49 -8.94 -10.14
CA ASP A 205 -17.69 -9.67 -9.74
C ASP A 205 -17.34 -11.10 -9.33
N HIS A 206 -18.34 -11.96 -9.15
CA HIS A 206 -18.08 -13.31 -8.66
C HIS A 206 -17.28 -14.18 -9.64
N THR A 207 -17.15 -13.77 -10.91
CA THR A 207 -16.37 -14.53 -11.90
C THR A 207 -14.90 -14.08 -11.88
N THR A 208 -14.56 -13.06 -11.11
CA THR A 208 -13.18 -12.63 -11.04
C THR A 208 -12.36 -13.74 -10.44
N ALA A 209 -11.22 -14.01 -11.06
CA ALA A 209 -10.24 -14.91 -10.48
C ALA A 209 -8.93 -14.12 -10.40
N PHE A 210 -8.54 -13.75 -9.19
CA PHE A 210 -7.37 -12.89 -8.93
C PHE A 210 -6.18 -13.66 -8.39
N LEU A 211 -5.03 -13.52 -9.05
CA LEU A 211 -3.77 -14.05 -8.52
C LEU A 211 -3.07 -13.06 -7.57
N ASN A 212 -2.94 -13.48 -6.32
CA ASN A 212 -2.38 -12.69 -5.23
C ASN A 212 -0.86 -12.73 -5.33
N SER A 213 -0.38 -12.05 -6.36
CA SER A 213 1.03 -12.02 -6.69
C SER A 213 1.70 -10.75 -6.19
N GLY A 214 0.92 -9.85 -5.59
CA GLY A 214 1.50 -8.68 -4.89
C GLY A 214 1.74 -9.01 -3.41
N PRO A 215 2.61 -8.28 -2.72
CA PRO A 215 2.82 -8.65 -1.31
C PRO A 215 1.68 -8.25 -0.40
N PHE A 217 1.82 -7.73 2.66
CA PHE A 217 2.28 -6.74 3.63
C PHE A 217 2.08 -5.31 3.17
N HIS A 218 1.60 -5.17 1.94
CA HIS A 218 1.40 -3.85 1.32
C HIS A 218 -0.03 -3.74 0.79
N ILE A 219 -0.57 -2.51 0.78
CA ILE A 219 -1.98 -2.26 0.55
C ILE A 219 -2.37 -2.58 -0.92
N GLY A 220 -1.42 -2.49 -1.85
CA GLY A 220 -1.66 -2.68 -3.28
C GLY A 220 -2.44 -3.97 -3.62
N ASN A 221 -1.94 -5.09 -3.14
CA ASN A 221 -2.53 -6.39 -3.44
C ASN A 221 -3.93 -6.56 -2.83
N HIS A 222 -4.17 -5.91 -1.67
CA HIS A 222 -5.48 -5.96 -1.04
C HIS A 222 -6.50 -5.15 -1.87
N GLN A 223 -6.08 -3.99 -2.33
CA GLN A 223 -7.02 -3.13 -3.05
C GLN A 223 -7.27 -3.64 -4.48
N PHE A 224 -6.20 -4.03 -5.17
CA PHE A 224 -6.21 -4.45 -6.55
C PHE A 224 -5.58 -5.83 -6.65
N TRP A 225 -6.31 -6.88 -6.32
CA TRP A 225 -7.77 -6.91 -6.22
C TRP A 225 -8.27 -7.95 -5.19
N GLY A 226 -7.46 -8.24 -4.18
CA GLY A 226 -7.76 -9.30 -3.21
C GLY A 226 -9.07 -9.07 -2.48
N PRO A 228 -11.67 -6.72 -3.08
CA PRO A 228 -12.89 -6.74 -3.88
C PRO A 228 -13.28 -8.12 -4.43
N THR A 229 -12.30 -8.94 -4.75
CA THR A 229 -12.55 -10.32 -5.19
C THR A 229 -13.26 -11.11 -4.05
N LEU A 230 -12.76 -10.99 -2.85
CA LEU A 230 -13.36 -11.59 -1.67
C LEU A 230 -14.76 -11.04 -1.46
N LEU A 231 -14.90 -9.71 -1.49
CA LEU A 231 -16.18 -9.12 -1.28
C LEU A 231 -17.22 -9.64 -2.29
N ALA A 233 -17.26 -12.41 -4.01
CA ALA A 233 -17.31 -13.87 -3.97
C ALA A 233 -16.55 -14.53 -5.12
N GLY A 234 -15.58 -13.83 -5.68
CA GLY A 234 -14.67 -14.39 -6.68
C GLY A 234 -13.63 -15.28 -6.07
N LYS A 235 -12.66 -15.71 -6.87
CA LYS A 235 -11.71 -16.70 -6.41
C LYS A 235 -10.35 -15.99 -6.25
N ASN A 236 -9.77 -16.13 -5.07
CA ASN A 236 -8.42 -15.65 -4.77
C ASN A 236 -7.43 -16.83 -4.83
N VAL A 237 -6.48 -16.73 -5.75
CA VAL A 237 -5.43 -17.69 -5.95
C VAL A 237 -4.13 -17.11 -5.37
N ILE A 238 -3.48 -17.88 -4.50
CA ILE A 238 -2.31 -17.44 -3.81
C ILE A 238 -1.04 -17.98 -4.43
N VAL A 239 -0.03 -17.12 -4.55
CA VAL A 239 1.33 -17.53 -4.83
CA VAL A 239 1.34 -17.53 -4.81
C VAL A 239 2.19 -16.93 -3.72
N ARG A 240 3.18 -17.71 -3.26
CA ARG A 240 3.93 -17.38 -2.08
C ARG A 240 4.72 -16.08 -2.27
N ARG A 241 5.46 -16.08 -3.36
CA ARG A 241 6.01 -14.87 -3.90
C ARG A 241 6.12 -15.07 -5.46
N VAL A 242 6.64 -14.05 -6.13
CA VAL A 242 6.70 -14.07 -7.58
C VAL A 242 7.86 -14.88 -8.08
N VAL A 243 7.53 -15.92 -8.82
CA VAL A 243 8.47 -16.69 -9.61
C VAL A 243 7.81 -16.81 -10.94
N ALA A 244 8.41 -16.28 -11.98
CA ALA A 244 7.68 -16.11 -13.23
C ALA A 244 7.01 -17.38 -13.77
N GLU A 245 7.70 -18.52 -13.67
CA GLU A 245 7.18 -19.75 -14.24
C GLU A 245 5.97 -20.27 -13.46
N GLU A 246 6.04 -20.21 -12.13
CA GLU A 246 4.90 -20.64 -11.34
C GLU A 246 3.73 -19.67 -11.59
N VAL A 247 4.01 -18.37 -11.64
CA VAL A 247 2.97 -17.39 -11.95
C VAL A 247 2.28 -17.71 -13.26
N ARG A 248 3.05 -17.89 -14.32
CA ARG A 248 2.47 -18.25 -15.60
C ARG A 248 1.60 -19.50 -15.45
N ASP A 249 2.11 -20.52 -14.76
CA ASP A 249 1.35 -21.77 -14.63
C ASP A 249 -0.01 -21.56 -13.95
N LEU A 250 -0.03 -20.72 -12.92
CA LEU A 250 -1.25 -20.45 -12.19
C LEU A 250 -2.23 -19.60 -12.98
N LEU A 251 -1.72 -18.60 -13.70
CA LEU A 251 -2.56 -17.77 -14.57
C LEU A 251 -3.35 -18.66 -15.51
N VAL A 252 -2.67 -19.67 -16.06
CA VAL A 252 -3.31 -20.54 -17.04
C VAL A 252 -4.21 -21.58 -16.39
N ALA A 253 -3.69 -22.30 -15.41
CA ALA A 253 -4.44 -23.38 -14.77
C ALA A 253 -5.70 -22.88 -14.02
N GLU A 254 -5.62 -21.70 -13.41
CA GLU A 254 -6.74 -21.19 -12.62
C GLU A 254 -7.57 -20.22 -13.41
N GLU A 255 -7.21 -20.01 -14.68
CA GLU A 255 -7.98 -19.16 -15.57
C GLU A 255 -8.16 -17.76 -14.96
N CYS A 256 -7.05 -17.21 -14.53
CA CYS A 256 -7.10 -15.90 -13.86
C CYS A 256 -7.55 -14.79 -14.77
N THR A 257 -8.38 -13.89 -14.23
CA THR A 257 -8.83 -12.72 -14.95
C THR A 257 -7.97 -11.49 -14.55
N HIS A 258 -7.35 -11.55 -13.36
CA HIS A 258 -6.55 -10.43 -12.83
C HIS A 258 -5.37 -10.93 -12.04
N ALA A 259 -4.36 -10.07 -11.94
CA ALA A 259 -3.15 -10.38 -11.16
C ALA A 259 -2.46 -9.06 -10.82
N PHE A 260 -1.67 -9.06 -9.75
CA PHE A 260 -0.86 -7.87 -9.38
C PHE A 260 0.55 -8.11 -9.87
N LEU A 261 0.87 -7.49 -11.01
CA LEU A 261 2.14 -7.76 -11.73
C LEU A 261 2.76 -6.44 -12.18
N PRO A 263 5.73 -4.33 -14.49
CA PRO A 263 6.23 -4.58 -15.84
C PRO A 263 7.42 -5.56 -15.98
N PRO A 264 8.43 -5.54 -15.08
CA PRO A 264 9.51 -6.50 -15.35
C PRO A 264 9.01 -7.96 -15.28
N THR A 265 8.04 -8.21 -14.39
CA THR A 265 7.46 -9.55 -14.25
C THR A 265 6.64 -9.91 -15.48
N VAL A 266 5.83 -8.97 -15.98
CA VAL A 266 5.10 -9.19 -17.20
C VAL A 266 6.08 -9.59 -18.33
N ALA A 267 7.16 -8.85 -18.49
CA ALA A 267 8.08 -9.18 -19.58
C ALA A 267 8.70 -10.59 -19.45
N GLU A 268 8.95 -11.03 -18.23
CA GLU A 268 9.49 -12.35 -17.92
CA GLU A 268 9.52 -12.36 -18.00
C GLU A 268 8.47 -13.44 -18.28
N ILE A 269 7.23 -13.21 -17.88
CA ILE A 269 6.14 -14.13 -18.22
C ILE A 269 5.99 -14.27 -19.72
N VAL A 270 5.96 -13.14 -20.41
CA VAL A 270 5.80 -13.13 -21.84
C VAL A 270 6.96 -13.91 -22.53
N ARG A 271 8.18 -13.71 -22.06
CA ARG A 271 9.32 -14.30 -22.72
C ARG A 271 9.21 -15.81 -22.59
N LEU A 272 8.81 -16.29 -21.42
CA LEU A 272 8.76 -17.71 -21.26
C LEU A 272 7.48 -18.36 -21.83
N ASN A 273 6.47 -17.56 -22.17
CA ASN A 273 5.27 -18.09 -22.78
C ASN A 273 5.30 -18.11 -24.28
N ARG A 274 6.23 -17.37 -24.87
CA ARG A 274 6.23 -17.14 -26.32
C ARG A 274 6.33 -18.48 -27.03
N ASP A 275 5.49 -18.65 -28.06
CA ASP A 275 5.33 -19.92 -28.78
C ASP A 275 5.23 -21.22 -27.95
N THR A 276 4.66 -21.17 -26.73
CA THR A 276 4.31 -22.39 -25.99
C THR A 276 2.86 -22.82 -26.26
N GLY A 277 2.07 -21.92 -26.83
CA GLY A 277 0.63 -22.11 -26.93
C GLY A 277 -0.20 -22.03 -25.64
N HIS A 278 0.39 -21.65 -24.50
CA HIS A 278 -0.40 -21.60 -23.27
C HIS A 278 -1.24 -20.34 -23.28
N ASP A 279 -2.51 -20.52 -22.93
CA ASP A 279 -3.54 -19.49 -23.12
C ASP A 279 -3.64 -18.51 -21.94
N LEU A 280 -3.18 -17.28 -22.16
CA LEU A 280 -3.24 -16.21 -21.15
C LEU A 280 -4.34 -15.21 -21.47
N SER A 281 -5.22 -15.55 -22.42
CA SER A 281 -6.15 -14.57 -22.93
C SER A 281 -7.28 -14.14 -21.97
N ARG A 282 -7.55 -14.90 -20.92
CA ARG A 282 -8.55 -14.48 -19.92
C ARG A 282 -8.03 -13.34 -19.01
N LEU A 283 -6.71 -13.18 -18.95
CA LEU A 283 -6.10 -12.19 -18.08
C LEU A 283 -6.36 -10.81 -18.65
N ARG A 284 -6.90 -9.93 -17.82
CA ARG A 284 -7.18 -8.57 -18.22
CA ARG A 284 -7.19 -8.58 -18.23
C ARG A 284 -5.96 -7.72 -17.88
N ALA A 285 -5.22 -7.33 -18.90
CA ALA A 285 -3.98 -6.60 -18.69
C ALA A 285 -4.24 -5.18 -18.25
N THR A 286 -3.92 -4.87 -17.01
CA THR A 286 -4.10 -3.49 -16.52
C THR A 286 -2.84 -2.65 -16.72
N VAL A 287 -1.73 -3.22 -16.28
CA VAL A 287 -0.45 -2.51 -16.33
C VAL A 287 0.30 -2.87 -17.59
N ALA A 288 0.83 -1.86 -18.26
CA ALA A 288 1.78 -2.11 -19.34
C ALA A 288 1.16 -2.99 -20.41
N PRO A 289 -0.06 -2.67 -20.86
CA PRO A 289 -0.78 -3.53 -21.81
C PRO A 289 0.03 -3.90 -23.07
N HIS A 290 0.72 -2.93 -23.63
CA HIS A 290 1.66 -3.21 -24.74
C HIS A 290 2.72 -4.31 -24.50
N LEU A 291 3.17 -4.51 -23.26
CA LEU A 291 4.20 -5.52 -22.98
C LEU A 291 3.73 -6.95 -23.14
N TRP A 292 2.42 -7.15 -23.18
CA TRP A 292 1.86 -8.51 -23.21
C TRP A 292 1.93 -9.15 -24.60
N GLU A 293 2.21 -8.35 -25.63
CA GLU A 293 2.36 -8.87 -27.00
C GLU A 293 1.10 -9.61 -27.44
N GLY A 294 -0.07 -9.03 -27.16
CA GLY A 294 -1.35 -9.68 -27.48
C GLY A 294 -1.68 -10.98 -26.76
N ALA A 296 -2.46 -11.42 -23.55
CA ALA A 296 -3.54 -11.18 -22.57
C ALA A 296 -4.56 -10.24 -23.24
N THR A 297 -5.74 -10.09 -22.65
CA THR A 297 -6.75 -9.18 -23.23
C THR A 297 -6.62 -7.82 -22.58
N THR A 298 -6.68 -6.74 -23.33
CA THR A 298 -6.49 -5.45 -22.67
C THR A 298 -7.76 -5.13 -21.84
N ASP A 299 -7.53 -4.63 -20.64
CA ASP A 299 -8.61 -4.32 -19.72
C ASP A 299 -9.41 -3.14 -20.23
N THR A 300 -10.72 -3.27 -20.24
CA THR A 300 -11.54 -2.14 -20.64
C THR A 300 -12.27 -1.48 -19.45
N SER A 301 -11.93 -1.87 -18.22
CA SER A 301 -12.55 -1.24 -17.04
C SER A 301 -12.06 0.18 -16.94
N ARG A 302 -12.78 0.93 -16.11
CA ARG A 302 -12.43 2.31 -15.78
C ARG A 302 -11.03 2.47 -15.25
N PHE A 303 -10.57 1.48 -14.46
CA PHE A 303 -9.22 1.48 -13.88
C PHE A 303 -8.14 1.71 -14.97
N THR A 304 -8.26 0.98 -16.06
CA THR A 304 -7.30 1.10 -17.18
C THR A 304 -7.63 2.28 -18.09
N ARG A 305 -8.89 2.44 -18.47
CA ARG A 305 -9.28 3.45 -19.44
C ARG A 305 -8.95 4.84 -18.94
N SER A 306 -9.08 5.07 -17.64
CA SER A 306 -8.87 6.40 -17.09
C SER A 306 -7.42 6.78 -16.99
N GLY A 307 -6.50 5.80 -17.03
CA GLY A 307 -5.09 6.04 -16.71
C GLY A 307 -4.68 5.73 -15.27
N ALA A 308 -5.65 5.36 -14.45
CA ALA A 308 -5.34 5.08 -13.05
C ALA A 308 -4.33 3.97 -12.97
N ALA A 309 -4.51 2.98 -13.83
CA ALA A 309 -3.61 1.82 -13.89
C ALA A 309 -2.18 2.20 -14.29
N ALA A 310 -2.04 3.29 -15.01
CA ALA A 310 -0.73 3.81 -15.35
C ALA A 310 -0.20 4.81 -14.29
N GLY A 311 -0.88 4.93 -13.13
CA GLY A 311 -0.42 5.80 -12.03
C GLY A 311 -1.08 7.15 -11.87
N ARG A 312 -2.16 7.41 -12.61
CA ARG A 312 -2.88 8.67 -12.49
C ARG A 312 -3.80 8.62 -11.27
N GLY A 313 -3.21 8.92 -10.12
CA GLY A 313 -3.94 8.91 -8.88
C GLY A 313 -3.05 9.19 -7.72
N TYR A 314 -3.63 9.20 -6.53
CA TYR A 314 -2.90 9.46 -5.31
C TYR A 314 -3.49 8.58 -4.19
N GLY A 315 -2.64 8.04 -3.35
CA GLY A 315 -3.09 7.46 -2.10
C GLY A 315 -1.98 7.04 -1.18
N GLN A 316 -2.35 6.33 -0.11
CA GLN A 316 -1.40 5.79 0.89
C GLN A 316 -2.14 4.79 1.70
N THR A 317 -1.41 4.00 2.47
CA THR A 317 -2.01 2.97 3.30
C THR A 317 -3.12 3.54 4.17
N GLU A 318 -2.87 4.75 4.68
CA GLU A 318 -3.71 5.40 5.66
C GLU A 318 -5.05 5.88 5.08
N LEU A 319 -5.17 5.85 3.75
CA LEU A 319 -6.40 6.16 3.04
C LEU A 319 -6.94 4.87 2.38
N SER A 320 -6.56 3.72 2.92
CA SER A 320 -6.91 2.41 2.36
C SER A 320 -6.53 2.25 0.88
N GLY A 321 -5.40 2.87 0.50
CA GLY A 321 -4.84 2.70 -0.83
C GLY A 321 -5.02 3.91 -1.74
N PHE A 322 -5.21 3.62 -3.02
CA PHE A 322 -5.34 4.60 -4.14
C PHE A 322 -6.73 5.21 -4.13
N ALA A 323 -6.89 6.22 -3.28
CA ALA A 323 -8.20 6.75 -2.97
C ALA A 323 -8.62 7.93 -3.87
N VAL A 324 -7.64 8.52 -4.53
CA VAL A 324 -7.88 9.60 -5.49
C VAL A 324 -7.41 9.10 -6.85
N THR A 325 -8.22 9.19 -7.89
CA THR A 325 -7.77 8.71 -9.22
C THR A 325 -8.48 9.46 -10.32
N ALA A 326 -7.89 9.37 -11.47
CA ALA A 326 -8.46 9.93 -12.67
C ALA A 326 -9.72 9.19 -13.15
N ALA A 327 -10.08 8.06 -12.54
CA ALA A 327 -11.32 7.37 -12.92
C ALA A 327 -12.53 8.03 -12.28
N TYR A 328 -12.30 8.91 -11.30
CA TYR A 328 -13.40 9.60 -10.64
C TYR A 328 -13.49 10.98 -11.20
N GLY A 329 -14.56 11.27 -11.94
CA GLY A 329 -14.85 12.63 -12.32
C GLY A 329 -14.36 13.11 -13.65
N GLY A 330 -13.84 12.23 -14.50
CA GLY A 330 -13.59 12.57 -15.89
C GLY A 330 -12.19 13.16 -16.08
N PRO A 331 -11.99 13.86 -17.20
CA PRO A 331 -10.68 14.43 -17.54
C PRO A 331 -10.17 15.33 -16.45
N ALA A 332 -8.86 15.32 -16.26
CA ALA A 332 -8.25 16.04 -15.14
C ALA A 332 -6.94 16.65 -15.58
N ALA A 333 -6.81 17.97 -15.38
CA ALA A 333 -5.55 18.67 -15.52
C ALA A 333 -4.52 18.17 -14.51
N GLY A 334 -4.93 17.87 -13.27
CA GLY A 334 -4.01 17.41 -12.24
C GLY A 334 -3.67 15.95 -12.39
N ASN A 335 -2.45 15.59 -12.00
CA ASN A 335 -1.94 14.22 -12.23
C ASN A 335 -2.64 13.15 -11.41
N ALA A 336 -3.40 13.53 -10.39
CA ALA A 336 -4.02 12.50 -9.52
C ALA A 336 -5.54 12.31 -9.71
N GLY A 337 -6.21 13.23 -10.39
CA GLY A 337 -7.66 13.09 -10.57
C GLY A 337 -8.40 13.64 -9.38
N ARG A 338 -9.45 12.90 -8.95
CA ARG A 338 -10.35 13.37 -7.92
C ARG A 338 -10.64 12.26 -6.92
N PRO A 339 -11.11 12.63 -5.75
CA PRO A 339 -11.39 11.62 -4.77
C PRO A 339 -12.56 10.73 -5.13
N GLY A 340 -12.46 9.49 -4.73
CA GLY A 340 -13.54 8.54 -4.88
C GLY A 340 -14.56 8.70 -3.78
N PRO A 341 -15.64 7.93 -3.85
CA PRO A 341 -16.81 8.11 -2.97
C PRO A 341 -16.58 8.16 -1.47
N GLY A 342 -15.68 7.35 -0.93
CA GLY A 342 -15.54 7.39 0.57
C GLY A 342 -14.55 8.38 1.17
N LEU A 343 -14.37 9.55 0.49
CA LEU A 343 -13.31 10.50 0.84
C LEU A 343 -13.64 11.93 0.45
N THR A 344 -13.25 12.87 1.29
CA THR A 344 -13.21 14.26 0.87
C THR A 344 -11.81 14.78 1.20
N VAL A 345 -11.29 15.65 0.36
CA VAL A 345 -9.90 16.10 0.43
C VAL A 345 -9.83 17.59 0.49
N ARG A 346 -8.99 18.12 1.39
CA ARG A 346 -8.66 19.53 1.34
C ARG A 346 -7.15 19.69 1.36
N VAL A 347 -6.70 20.73 0.68
CA VAL A 347 -5.29 21.11 0.69
C VAL A 347 -5.14 22.26 1.71
N LEU A 348 -4.37 22.03 2.78
CA LEU A 348 -4.29 22.96 3.92
C LEU A 348 -2.89 23.53 4.07
N ASP A 349 -2.81 24.82 4.36
CA ASP A 349 -1.49 25.47 4.53
C ASP A 349 -1.00 25.15 5.93
N THR A 350 0.17 25.69 6.28
CA THR A 350 0.82 25.36 7.54
CA THR A 350 0.80 25.33 7.54
C THR A 350 -0.04 25.78 8.74
N ALA A 351 -0.85 26.82 8.55
CA ALA A 351 -1.76 27.30 9.61
C ALA A 351 -3.09 26.53 9.67
N GLY A 352 -3.25 25.51 8.84
CA GLY A 352 -4.51 24.76 8.81
C GLY A 352 -5.62 25.45 8.04
N ARG A 353 -5.34 26.50 7.31
CA ARG A 353 -6.36 27.09 6.45
C ARG A 353 -6.30 26.53 5.03
N GLU A 354 -7.46 26.44 4.39
CA GLU A 354 -7.55 25.87 3.06
C GLU A 354 -6.78 26.69 2.03
N CYS A 355 -5.98 26.02 1.20
CA CYS A 355 -5.18 26.74 0.22
C CYS A 355 -6.05 27.20 -0.93
N ALA A 356 -5.64 28.30 -1.55
CA ALA A 356 -6.22 28.76 -2.80
C ALA A 356 -5.94 27.74 -3.92
N VAL A 357 -6.74 27.79 -4.96
CA VAL A 357 -6.46 27.02 -6.20
C VAL A 357 -5.04 27.33 -6.68
N GLY A 358 -4.27 26.28 -7.02
CA GLY A 358 -2.89 26.45 -7.44
C GLY A 358 -1.83 26.54 -6.34
N GLU A 359 -2.22 26.74 -5.09
CA GLU A 359 -1.27 26.84 -4.00
C GLU A 359 -0.99 25.47 -3.38
N ALA A 360 0.28 25.15 -3.20
CA ALA A 360 0.71 23.86 -2.66
C ALA A 360 0.46 23.81 -1.16
N GLY A 361 -0.05 22.69 -0.66
CA GLY A 361 -0.21 22.52 0.74
C GLY A 361 -0.36 21.05 1.09
N GLU A 362 -0.63 20.73 2.34
CA GLU A 362 -0.67 19.33 2.75
C GLU A 362 -2.05 18.75 2.36
N ILE A 363 -2.03 17.60 1.70
CA ILE A 363 -3.25 16.86 1.36
C ILE A 363 -3.86 16.31 2.67
N CYS A 364 -5.07 16.73 2.99
CA CYS A 364 -5.75 16.25 4.16
C CYS A 364 -7.10 15.61 3.78
N ALA A 365 -7.53 14.66 4.59
CA ALA A 365 -8.70 13.83 4.27
C ALA A 365 -9.65 13.56 5.42
N ARG A 366 -10.93 13.41 5.08
CA ARG A 366 -11.96 12.84 5.99
C ARG A 366 -12.78 11.83 5.20
N GLY A 367 -13.34 10.85 5.87
CA GLY A 367 -14.23 9.95 5.18
C GLY A 367 -14.02 8.51 5.59
N THR A 368 -14.86 7.66 5.02
CA THR A 368 -14.93 6.25 5.38
C THR A 368 -13.64 5.49 5.10
N VAL A 369 -12.84 5.88 4.09
CA VAL A 369 -11.60 5.16 3.80
C VAL A 369 -10.39 5.57 4.65
N VAL A 370 -10.53 6.60 5.50
CA VAL A 370 -9.44 7.03 6.35
C VAL A 370 -9.23 6.00 7.46
N HIS A 371 -7.98 5.63 7.68
CA HIS A 371 -7.60 4.60 8.67
C HIS A 371 -7.93 5.05 10.10
N ARG A 372 -7.80 4.16 11.04
CA ARG A 372 -8.18 4.45 12.43
C ARG A 372 -7.00 5.09 13.19
N GLY A 373 -5.87 5.33 12.54
CA GLY A 373 -4.69 5.80 13.24
C GLY A 373 -3.60 4.74 13.21
N TYR A 374 -2.40 5.09 13.70
CA TYR A 374 -1.35 4.14 13.90
C TYR A 374 -1.48 3.44 15.24
N TRP A 375 -1.00 2.22 15.28
CA TRP A 375 -0.94 1.45 16.53
C TRP A 375 0.11 2.08 17.44
N ASN A 376 -0.26 2.34 18.71
CA ASN A 376 0.70 2.77 19.72
C ASN A 376 1.48 4.03 19.31
N ARG A 377 0.75 5.04 18.85
CA ARG A 377 1.34 6.32 18.46
C ARG A 377 0.44 7.47 18.95
N ASP A 378 0.19 7.53 20.25
CA ASP A 378 -0.77 8.50 20.79
C ASP A 378 -0.45 9.93 20.38
N GLU A 379 0.80 10.34 20.49
CA GLU A 379 1.13 11.74 20.17
C GLU A 379 1.07 12.00 18.67
N VAL A 380 1.56 11.05 17.89
CA VAL A 380 1.55 11.23 16.42
C VAL A 380 0.11 11.29 15.94
N ASN A 381 -0.75 10.35 16.41
CA ASN A 381 -2.14 10.36 16.02
C ASN A 381 -2.85 11.68 16.39
N ALA A 382 -2.63 12.19 17.61
CA ALA A 382 -3.23 13.46 18.03
C ALA A 382 -2.83 14.57 17.08
N HIS A 383 -1.56 14.62 16.72
CA HIS A 383 -1.08 15.62 15.80
C HIS A 383 -1.62 15.45 14.39
N ARG A 384 -1.58 14.22 13.87
CA ARG A 384 -1.98 13.98 12.49
C ARG A 384 -3.47 13.98 12.21
N PHE A 385 -4.30 13.83 13.24
CA PHE A 385 -5.72 13.99 13.09
C PHE A 385 -6.20 15.40 13.61
N ARG A 386 -5.28 16.32 13.79
CA ARG A 386 -5.67 17.64 14.35
C ARG A 386 -6.74 18.32 13.49
N SER A 387 -7.69 18.96 14.17
CA SER A 387 -8.85 19.65 13.53
C SER A 387 -9.83 18.73 12.83
N GLY A 388 -9.76 17.44 13.11
CA GLY A 388 -10.69 16.50 12.50
C GLY A 388 -10.41 16.17 11.04
N TRP A 389 -9.17 16.40 10.62
CA TRP A 389 -8.71 15.95 9.30
C TRP A 389 -7.51 15.05 9.51
N TRP A 390 -7.41 14.02 8.70
CA TRP A 390 -6.22 13.21 8.66
C TRP A 390 -5.21 13.94 7.75
N HIS A 391 -4.02 14.19 8.29
CA HIS A 391 -2.92 14.85 7.56
C HIS A 391 -2.00 13.82 6.96
N THR A 392 -1.90 13.79 5.64
CA THR A 392 -1.19 12.69 4.93
C THR A 392 0.35 12.81 4.94
N THR A 393 0.83 14.01 5.23
CA THR A 393 2.22 14.45 5.00
C THR A 393 2.62 14.45 3.54
N ASP A 394 1.65 14.43 2.64
CA ASP A 394 1.91 14.58 1.23
C ASP A 394 1.51 15.97 0.74
N LEU A 395 2.31 16.52 -0.16
CA LEU A 395 2.10 17.88 -0.65
C LEU A 395 1.31 17.81 -1.95
N GLY A 396 0.32 18.66 -2.12
CA GLY A 396 -0.48 18.70 -3.33
C GLY A 396 -1.07 20.06 -3.60
N ARG A 397 -1.82 20.17 -4.69
CA ARG A 397 -2.58 21.35 -4.95
C ARG A 397 -3.81 21.02 -5.72
N ARG A 398 -4.83 21.87 -5.62
CA ARG A 398 -5.97 21.79 -6.51
C ARG A 398 -5.81 22.65 -7.78
N GLU A 399 -6.17 22.09 -8.92
CA GLU A 399 -6.14 22.77 -10.21
C GLU A 399 -7.46 23.53 -10.42
N PRO A 400 -7.47 24.48 -11.35
CA PRO A 400 -8.71 25.22 -11.59
C PRO A 400 -9.91 24.36 -12.01
N ASP A 401 -9.69 23.25 -12.70
CA ASP A 401 -10.79 22.35 -13.03
C ASP A 401 -11.31 21.51 -11.83
N GLY A 402 -10.69 21.64 -10.68
CA GLY A 402 -11.10 20.94 -9.48
C GLY A 402 -10.35 19.66 -9.18
N SER A 403 -9.51 19.20 -10.11
CA SER A 403 -8.71 18.01 -9.88
C SER A 403 -7.50 18.31 -8.99
N LEU A 404 -6.86 17.23 -8.58
CA LEU A 404 -5.73 17.27 -7.69
C LEU A 404 -4.42 16.87 -8.37
N THR A 405 -3.34 17.53 -7.97
CA THR A 405 -1.98 17.13 -8.30
C THR A 405 -1.24 16.76 -7.02
N PHE A 406 -0.57 15.62 -7.04
CA PHE A 406 0.30 15.17 -5.98
C PHE A 406 1.71 15.67 -6.33
N LEU A 407 2.34 16.40 -5.43
CA LEU A 407 3.67 16.97 -5.70
C LEU A 407 4.82 16.20 -5.06
N GLY A 408 4.61 15.61 -3.89
CA GLY A 408 5.72 14.96 -3.16
C GLY A 408 5.40 15.01 -1.68
N THR A 409 6.41 14.86 -0.84
CA THR A 409 6.18 14.82 0.59
C THR A 409 6.33 16.22 1.19
N THR A 410 5.70 16.44 2.33
CA THR A 410 5.90 17.65 3.14
C THR A 410 7.05 17.46 4.12
N THR A 411 7.61 16.25 4.22
CA THR A 411 8.61 15.96 5.22
C THR A 411 10.01 16.41 4.79
N ARG A 412 10.18 16.81 3.52
CA ARG A 412 11.37 17.52 3.12
C ARG A 412 10.99 18.98 3.02
N LEU A 414 12.86 23.06 3.24
CA LEU A 414 13.97 23.98 3.34
C LEU A 414 13.46 25.15 4.16
N LYS A 415 14.37 25.86 4.83
CA LYS A 415 13.93 27.12 5.37
C LYS A 415 15.03 28.07 5.07
N SER A 416 14.65 29.02 4.22
CA SER A 416 15.55 30.05 3.75
C SER A 416 15.04 31.38 4.35
N ALA A 417 15.80 31.87 5.35
CA ALA A 417 15.37 33.02 6.13
C ALA A 417 13.95 32.76 6.67
N ALA A 418 12.99 33.68 6.49
CA ALA A 418 11.64 33.49 7.04
C ALA A 418 10.80 32.44 6.29
N GLU A 419 11.32 31.97 5.16
CA GLU A 419 10.47 31.27 4.19
C GLU A 419 10.62 29.75 4.26
N ASN A 420 9.54 29.07 4.57
CA ASN A 420 9.48 27.60 4.38
C ASN A 420 9.36 27.28 2.91
N ILE A 421 10.14 26.35 2.42
CA ILE A 421 10.09 26.03 1.00
C ILE A 421 9.99 24.52 0.97
N PHE A 422 9.00 24.00 0.22
CA PHE A 422 8.91 22.57 -0.02
C PHE A 422 9.63 22.20 -1.32
N PRO A 423 10.75 21.48 -1.22
CA PRO A 423 11.44 21.11 -2.45
C PRO A 423 10.53 20.43 -3.46
N ALA A 424 9.53 19.67 -3.00
CA ALA A 424 8.67 18.91 -3.93
C ALA A 424 7.96 19.86 -4.88
N GLU A 425 7.55 21.03 -4.38
CA GLU A 425 6.92 22.02 -5.23
C GLU A 425 7.86 22.53 -6.34
N VAL A 426 9.08 22.82 -5.96
CA VAL A 426 10.12 23.29 -6.91
C VAL A 426 10.49 22.17 -7.91
N GLU A 427 10.66 20.95 -7.41
CA GLU A 427 10.93 19.80 -8.27
C GLU A 427 9.85 19.63 -9.32
N ASN A 428 8.60 19.71 -8.91
CA ASN A 428 7.50 19.52 -9.86
C ASN A 428 7.49 20.63 -10.89
N CYS A 429 7.79 21.86 -10.47
CA CYS A 429 7.88 22.96 -11.40
C CYS A 429 8.96 22.71 -12.49
N ILE A 430 10.16 22.36 -12.06
CA ILE A 430 11.28 22.08 -12.98
C ILE A 430 10.94 20.92 -13.91
N GLU A 431 10.32 19.88 -13.35
CA GLU A 431 9.96 18.70 -14.15
C GLU A 431 8.92 18.94 -15.24
N GLN A 432 8.23 20.08 -15.21
CA GLN A 432 7.32 20.44 -16.30
C GLN A 432 8.10 20.89 -17.53
N HIS A 433 9.35 21.30 -17.39
CA HIS A 433 10.13 21.72 -18.57
C HIS A 433 10.33 20.47 -19.49
N PRO A 434 10.03 20.62 -20.79
CA PRO A 434 10.07 19.39 -21.62
C PRO A 434 11.49 18.72 -21.75
N ALA A 435 12.55 19.45 -21.48
CA ALA A 435 13.90 18.90 -21.49
C ALA A 435 14.26 18.07 -20.27
N VAL A 436 13.49 18.20 -19.19
CA VAL A 436 13.84 17.61 -17.92
C VAL A 436 13.13 16.29 -17.75
N ARG A 437 13.88 15.23 -17.48
CA ARG A 437 13.30 13.94 -17.10
C ARG A 437 12.93 13.92 -15.59
N GLU A 438 13.87 14.28 -14.71
CA GLU A 438 13.63 14.33 -13.28
C GLU A 438 14.42 15.46 -12.66
N ALA A 439 13.97 15.95 -11.53
CA ALA A 439 14.70 16.98 -10.77
C ALA A 439 14.56 16.75 -9.27
N ALA A 440 15.69 16.91 -8.57
CA ALA A 440 15.75 16.82 -7.13
C ALA A 440 16.21 18.17 -6.62
N VAL A 441 15.59 18.61 -5.55
CA VAL A 441 15.96 19.91 -4.96
C VAL A 441 16.44 19.69 -3.53
N ILE A 442 17.55 20.35 -3.24
CA ILE A 442 18.16 20.28 -1.91
C ILE A 442 18.46 21.70 -1.41
N GLY A 443 18.82 21.78 -0.14
CA GLY A 443 19.17 23.06 0.46
C GLY A 443 20.66 23.02 0.74
N VAL A 444 21.34 24.12 0.50
CA VAL A 444 22.75 24.21 0.78
C VAL A 444 23.02 25.37 1.74
N PRO A 445 24.05 25.23 2.58
CA PRO A 445 24.12 26.22 3.67
C PRO A 445 24.36 27.63 3.14
N ASN A 446 23.78 28.60 3.83
CA ASN A 446 24.01 30.00 3.57
C ASN A 446 24.20 30.63 4.96
N THR A 447 25.31 31.32 5.16
CA THR A 447 25.62 31.87 6.50
C THR A 447 24.71 33.01 6.96
N ARG A 448 24.01 33.67 6.03
CA ARG A 448 23.16 34.79 6.37
C ARG A 448 21.70 34.40 6.58
N TRP A 449 21.25 33.32 5.96
CA TRP A 449 19.84 32.95 6.05
C TRP A 449 19.59 31.43 6.00
N ALA A 450 20.52 30.71 6.63
CA ALA A 450 20.47 29.25 6.82
C ALA A 450 20.70 28.47 5.51
N GLN A 451 19.83 28.65 4.50
CA GLN A 451 19.89 27.79 3.26
C GLN A 451 19.57 28.52 2.01
N ASP A 452 20.24 28.12 0.92
CA ASP A 452 19.85 28.45 -0.44
C ASP A 452 19.29 27.20 -1.14
N VAL A 453 18.52 27.42 -2.19
CA VAL A 453 17.91 26.32 -2.95
C VAL A 453 18.88 25.89 -4.05
N LYS A 454 19.07 24.57 -4.18
CA LYS A 454 19.88 24.04 -5.28
C LYS A 454 19.12 22.88 -5.99
N ALA A 455 19.13 22.89 -7.31
CA ALA A 455 18.49 21.85 -8.09
C ALA A 455 19.52 20.88 -8.72
N VAL A 456 19.22 19.60 -8.67
CA VAL A 456 19.99 18.62 -9.36
C VAL A 456 19.09 18.06 -10.45
N VAL A 457 19.44 18.28 -11.71
CA VAL A 457 18.55 18.05 -12.81
C VAL A 457 19.07 16.96 -13.75
N VAL A 458 18.16 16.08 -14.15
CA VAL A 458 18.42 14.97 -15.09
C VAL A 458 17.66 15.27 -16.38
N LEU A 459 18.40 15.53 -17.45
CA LEU A 459 17.82 15.81 -18.76
C LEU A 459 17.42 14.56 -19.51
N GLU A 460 16.42 14.73 -20.37
CA GLU A 460 16.07 13.72 -21.35
C GLU A 460 17.30 13.59 -22.28
N PRO A 461 17.53 12.39 -22.82
CA PRO A 461 18.76 12.24 -23.61
C PRO A 461 18.81 13.13 -24.84
N ASP A 462 17.66 13.40 -25.44
CA ASP A 462 17.59 14.16 -26.69
C ASP A 462 17.36 15.66 -26.51
N ALA A 463 17.67 16.19 -25.33
CA ALA A 463 17.37 17.59 -25.01
C ALA A 463 18.54 18.26 -24.36
N GLY A 464 18.54 19.60 -24.44
CA GLY A 464 19.55 20.44 -23.83
C GLY A 464 18.92 21.67 -23.24
N VAL A 465 19.39 22.10 -22.07
CA VAL A 465 18.92 23.32 -21.43
C VAL A 465 19.94 23.76 -20.40
N SER A 466 20.08 25.07 -20.21
CA SER A 466 21.12 25.59 -19.35
C SER A 466 20.59 25.84 -17.96
N GLU A 467 21.52 26.09 -17.03
CA GLU A 467 21.20 26.56 -15.70
C GLU A 467 20.26 27.76 -15.72
N GLN A 468 20.65 28.81 -16.45
CA GLN A 468 19.84 30.02 -16.51
C GLN A 468 18.45 29.76 -17.05
N GLU A 469 18.33 28.88 -18.03
CA GLU A 469 17.04 28.63 -18.64
C GLU A 469 16.09 27.87 -17.67
N ILE A 470 16.66 27.02 -16.82
CA ILE A 470 15.90 26.34 -15.77
C ILE A 470 15.41 27.39 -14.77
N ILE A 471 16.29 28.30 -14.35
CA ILE A 471 15.94 29.33 -13.40
C ILE A 471 14.82 30.22 -13.94
N ASP A 472 14.91 30.61 -15.20
CA ASP A 472 13.91 31.49 -15.86
C ASP A 472 12.61 30.78 -16.09
N HIS A 473 12.67 29.48 -16.36
CA HIS A 473 11.46 28.65 -16.42
C HIS A 473 10.64 28.77 -15.12
N CYS A 474 11.32 28.73 -13.99
CA CYS A 474 10.68 28.83 -12.68
C CYS A 474 10.01 30.21 -12.40
N ARG A 475 10.55 31.29 -12.95
CA ARG A 475 10.05 32.68 -12.67
C ARG A 475 8.57 32.90 -12.68
N PRO A 476 7.90 32.56 -13.79
CA PRO A 476 6.46 32.78 -13.80
C PRO A 476 5.66 31.70 -13.10
N ARG A 477 6.31 30.65 -12.60
CA ARG A 477 5.54 29.54 -12.10
C ARG A 477 5.54 29.43 -10.62
N ILE A 478 6.60 29.90 -9.95
CA ILE A 478 6.68 29.78 -8.50
C ILE A 478 7.24 31.07 -7.90
N ALA A 479 7.02 31.25 -6.62
CA ALA A 479 7.54 32.43 -5.91
C ALA A 479 9.05 32.60 -6.09
N SER A 480 9.49 33.86 -6.20
CA SER A 480 10.89 34.13 -6.51
CA SER A 480 10.90 34.18 -6.47
C SER A 480 11.86 33.50 -5.54
N TYR A 481 11.55 33.49 -4.25
CA TYR A 481 12.46 32.95 -3.27
C TYR A 481 12.56 31.40 -3.31
N LYS A 482 11.67 30.76 -4.08
CA LYS A 482 11.70 29.29 -4.23
C LYS A 482 12.56 28.80 -5.39
N LYS A 483 12.95 29.69 -6.29
CA LYS A 483 13.75 29.31 -7.46
C LYS A 483 15.13 28.81 -7.03
N PRO A 484 15.70 27.86 -7.78
CA PRO A 484 17.05 27.46 -7.48
C PRO A 484 18.02 28.62 -7.64
N LYS A 485 18.94 28.72 -6.71
CA LYS A 485 20.09 29.63 -6.90
C LYS A 485 21.11 29.05 -7.89
N SER A 486 21.20 27.73 -7.93
CA SER A 486 22.07 27.08 -8.91
C SER A 486 21.49 25.72 -9.28
N VAL A 487 21.94 25.22 -10.44
CA VAL A 487 21.52 23.96 -11.02
C VAL A 487 22.72 23.11 -11.38
N ALA A 488 22.75 21.86 -10.90
CA ALA A 488 23.77 20.92 -11.32
C ALA A 488 23.05 19.91 -12.23
N PHE A 489 23.74 19.41 -13.24
CA PHE A 489 23.16 18.40 -14.10
C PHE A 489 23.79 17.05 -13.81
N ALA A 490 22.97 15.99 -13.88
CA ALA A 490 23.48 14.64 -13.59
C ALA A 490 22.89 13.68 -14.58
N ALA A 491 23.56 12.54 -14.77
CA ALA A 491 23.10 11.54 -15.72
C ALA A 491 21.87 10.82 -15.22
N ALA A 492 21.78 10.65 -13.91
CA ALA A 492 20.60 10.06 -13.26
C ALA A 492 20.71 10.44 -11.78
N LEU A 493 19.61 10.39 -11.05
CA LEU A 493 19.69 10.61 -9.61
C LEU A 493 20.21 9.38 -8.89
N PRO A 494 20.89 9.58 -7.76
CA PRO A 494 21.20 8.44 -6.90
C PRO A 494 19.95 7.86 -6.25
N ARG A 495 19.94 6.54 -6.13
CA ARG A 495 18.80 5.82 -5.58
C ARG A 495 19.23 4.78 -4.56
N THR A 496 18.31 4.42 -3.68
CA THR A 496 18.64 3.48 -2.63
C THR A 496 18.53 2.06 -3.19
N VAL A 497 18.94 1.08 -2.39
CA VAL A 497 18.74 -0.32 -2.82
C VAL A 497 17.28 -0.61 -3.13
N SER A 498 16.36 0.10 -2.46
CA SER A 498 14.93 -0.10 -2.70
C SER A 498 14.39 0.64 -3.94
N GLY A 499 15.22 1.42 -4.63
CA GLY A 499 14.79 2.17 -5.82
C GLY A 499 14.30 3.60 -5.56
N ALA A 500 14.25 4.02 -4.30
CA ALA A 500 13.81 5.42 -4.00
C ALA A 500 14.94 6.43 -4.13
N ARG A 501 14.59 7.70 -4.31
CA ARG A 501 15.60 8.74 -4.44
C ARG A 501 16.45 8.79 -3.19
N ASP A 502 17.75 8.96 -3.35
CA ASP A 502 18.68 8.99 -2.23
C ASP A 502 19.11 10.43 -1.94
N TYR A 503 18.28 11.13 -1.19
CA TYR A 503 18.58 12.53 -0.82
C TYR A 503 19.80 12.69 0.09
N ASP A 504 20.07 11.69 0.93
CA ASP A 504 21.32 11.70 1.73
C ASP A 504 22.52 11.70 0.81
N ALA A 505 22.46 10.87 -0.22
CA ALA A 505 23.53 10.86 -1.19
C ALA A 505 23.61 12.18 -1.97
N LEU A 506 22.48 12.78 -2.33
CA LEU A 506 22.55 14.09 -3.02
C LEU A 506 23.15 15.15 -2.12
N ASP A 507 22.71 15.16 -0.88
CA ASP A 507 23.28 16.10 0.09
C ASP A 507 24.78 15.91 0.24
N LYS A 508 25.23 14.66 0.33
CA LYS A 508 26.68 14.42 0.46
C LYS A 508 27.45 14.89 -0.77
N GLU A 509 26.96 14.56 -1.95
CA GLU A 509 27.66 14.98 -3.15
C GLU A 509 27.66 16.47 -3.44
N TYR A 510 26.54 17.17 -3.19
CA TYR A 510 26.37 18.52 -3.73
C TYR A 510 26.41 19.61 -2.69
N GLY A 511 26.84 19.30 -1.47
CA GLY A 511 27.02 20.35 -0.47
C GLY A 511 25.78 20.71 0.29
N GLY A 512 24.85 19.76 0.41
CA GLY A 512 23.63 20.00 1.13
C GLY A 512 23.80 20.11 2.64
N GLY A 513 23.02 20.97 3.26
CA GLY A 513 23.11 21.23 4.68
C GLY A 513 22.28 22.44 5.06
N GLY A 514 22.20 22.68 6.36
CA GLY A 514 21.48 23.82 6.95
C GLY A 514 19.98 23.65 7.02
N TYR A 515 19.51 22.41 7.06
CA TYR A 515 18.07 22.11 7.05
C TYR A 515 17.41 22.47 8.40
N PRO A 516 16.10 22.79 8.42
CA PRO A 516 15.45 23.22 9.67
C PRO A 516 15.47 22.15 10.77
#